data_5HN5
#
_entry.id   5HN5
#
_cell.length_a   80.372
_cell.length_b   80.372
_cell.length_c   141.063
_cell.angle_alpha   90.00
_cell.angle_beta   90.00
_cell.angle_gamma   90.00
#
_symmetry.space_group_name_H-M   'P 43 2 2'
#
loop_
_entity.id
_entity.type
_entity.pdbx_description
1 polymer 'Homoisocitrate dehydrogenase'
2 non-polymer 'ISOCITRIC ACID'
3 non-polymer 'MANGANESE (II) ION'
4 non-polymer (4S)-2-METHYL-2,4-PENTANEDIOL
5 water water
#
_entity_poly.entity_id   1
_entity_poly.type   'polypeptide(L)'
_entity_poly.pdbx_seq_one_letter_code
;MYRVAVIPGDGIGPEVIDGAVRVLKAVTGRVRFEYYEGGVDVFQECGSPIREEDLEEIRRSDAVLFGATTTPFDLPGYRS
LILTLRKELGLYANLRIIPDLRTGREIVIVRENSEGLYFGIGAVVNGRAVDVRLITREGAERIARFAVEQAKARGSFITF
VHKANVLTGDKFFRRIVREVAGEEGVEVRDAIIDSFTIKLVRNPWEHGVILSENLFGDILSDLATVHAGSIGIVPSGNYG
DGIALFEPVHGSAPDIAGKGIANPIGAILSGAMLLDYLGLDGSLIRAAVRGYVVNGELTPDMGGRARTEDVVRGIIGEIE
DLLSMDEVWRDEIRLSRLESDISRMAGHHHHHH
;
_entity_poly.pdbx_strand_id   A
#
# COMPACT_ATOMS: atom_id res chain seq x y z
N MET A 1 -19.71 15.24 6.89
CA MET A 1 -19.17 13.87 6.67
C MET A 1 -17.87 13.90 5.86
N TYR A 2 -17.11 12.83 5.98
CA TYR A 2 -15.92 12.63 5.17
C TYR A 2 -16.38 11.96 3.90
N ARG A 3 -15.92 12.42 2.75
CA ARG A 3 -16.30 11.75 1.51
C ARG A 3 -15.18 10.88 0.96
N VAL A 4 -15.49 9.60 0.78
CA VAL A 4 -14.51 8.60 0.42
C VAL A 4 -14.91 7.93 -0.88
N ALA A 5 -14.04 8.06 -1.88
CA ALA A 5 -14.24 7.42 -3.17
C ALA A 5 -13.82 5.99 -2.98
N VAL A 6 -14.62 5.08 -3.50
CA VAL A 6 -14.31 3.68 -3.37
C VAL A 6 -14.21 3.13 -4.75
N ILE A 7 -13.13 2.40 -5.03
CA ILE A 7 -12.90 1.81 -6.34
C ILE A 7 -12.58 0.33 -6.14
N PRO A 8 -13.62 -0.50 -6.22
CA PRO A 8 -13.48 -1.93 -6.00
C PRO A 8 -12.53 -2.61 -6.96
N GLY A 9 -12.51 -2.14 -8.20
CA GLY A 9 -11.73 -2.76 -9.25
C GLY A 9 -12.41 -4.02 -9.75
N ASP A 10 -11.63 -5.09 -9.89
CA ASP A 10 -12.13 -6.33 -10.49
C ASP A 10 -11.38 -7.47 -9.90
N GLY A 11 -11.71 -8.69 -10.33
CA GLY A 11 -11.15 -9.88 -9.72
C GLY A 11 -11.72 -10.01 -8.33
N ILE A 12 -10.87 -10.36 -7.37
CA ILE A 12 -11.29 -10.38 -5.97
C ILE A 12 -11.47 -8.97 -5.37
N GLY A 13 -11.18 -7.93 -6.14
CA GLY A 13 -11.33 -6.54 -5.70
C GLY A 13 -12.63 -6.23 -4.98
N PRO A 14 -13.77 -6.41 -5.66
CA PRO A 14 -15.10 -6.29 -5.05
C PRO A 14 -15.27 -7.02 -3.73
N GLU A 15 -14.92 -8.30 -3.71
CA GLU A 15 -15.11 -9.13 -2.51
C GLU A 15 -14.43 -8.57 -1.27
N VAL A 16 -13.17 -8.19 -1.39
CA VAL A 16 -12.44 -7.72 -0.24
C VAL A 16 -12.81 -6.29 0.12
N ILE A 17 -13.33 -5.53 -0.84
CA ILE A 17 -13.72 -4.15 -0.57
C ILE A 17 -15.07 -4.12 0.13
N ASP A 18 -15.96 -5.00 -0.31
CA ASP A 18 -17.21 -5.22 0.40
C ASP A 18 -16.89 -5.50 1.86
N GLY A 19 -15.89 -6.34 2.08
CA GLY A 19 -15.45 -6.64 3.43
C GLY A 19 -15.01 -5.42 4.18
N ALA A 20 -14.09 -4.67 3.58
CA ALA A 20 -13.46 -3.50 4.20
C ALA A 20 -14.41 -2.31 4.43
N VAL A 21 -15.48 -2.23 3.64
CA VAL A 21 -16.40 -1.11 3.74
C VAL A 21 -17.34 -1.37 4.90
N ARG A 22 -17.83 -2.61 4.98
CA ARG A 22 -18.73 -3.04 6.05
C ARG A 22 -18.07 -2.88 7.41
N VAL A 23 -16.78 -3.17 7.49
CA VAL A 23 -16.02 -3.00 8.73
C VAL A 23 -15.88 -1.53 9.09
N LEU A 24 -15.66 -0.69 8.09
CA LEU A 24 -15.62 0.77 8.28
C LEU A 24 -16.98 1.29 8.77
N LYS A 25 -18.06 0.81 8.14
CA LYS A 25 -19.40 1.22 8.51
C LYS A 25 -19.70 0.83 9.95
N ALA A 26 -19.07 -0.23 10.41
CA ALA A 26 -19.27 -0.70 11.76
C ALA A 26 -18.48 0.11 12.78
N VAL A 27 -17.54 0.94 12.35
CA VAL A 27 -16.79 1.75 13.34
C VAL A 27 -17.08 3.23 13.27
N THR A 28 -17.56 3.69 12.13
CA THR A 28 -17.92 5.08 11.97
C THR A 28 -19.08 5.22 11.01
N GLY A 29 -20.03 6.09 11.35
CA GLY A 29 -21.14 6.47 10.45
C GLY A 29 -20.83 7.84 9.84
N ARG A 30 -19.67 8.38 10.17
CA ARG A 30 -19.19 9.65 9.64
C ARG A 30 -18.50 9.64 8.26
N VAL A 31 -18.76 8.67 7.39
CA VAL A 31 -18.12 8.61 6.09
C VAL A 31 -19.14 8.26 5.00
N ARG A 32 -19.23 9.10 3.96
CA ARG A 32 -20.03 8.73 2.81
C ARG A 32 -19.13 8.03 1.77
N PHE A 33 -19.65 6.96 1.20
CA PHE A 33 -18.98 6.14 0.22
C PHE A 33 -19.61 6.35 -1.15
N GLU A 34 -18.76 6.60 -2.14
CA GLU A 34 -19.19 6.78 -3.50
C GLU A 34 -18.38 5.83 -4.38
N TYR A 35 -19.09 5.04 -5.17
CA TYR A 35 -18.48 3.98 -5.94
C TYR A 35 -18.21 4.38 -7.41
N TYR A 36 -17.04 4.05 -7.90
CA TYR A 36 -16.62 4.33 -9.25
C TYR A 36 -16.06 3.07 -9.91
N GLU A 37 -16.34 2.90 -11.20
CA GLU A 37 -15.78 1.78 -11.95
C GLU A 37 -14.37 2.16 -12.35
N GLY A 38 -13.54 1.16 -12.58
CA GLY A 38 -12.21 1.39 -13.09
C GLY A 38 -11.61 0.11 -13.53
N GLY A 39 -10.69 0.17 -14.49
CA GLY A 39 -10.07 -1.05 -15.07
C GLY A 39 -10.28 -1.16 -16.57
N VAL A 40 -10.10 -2.37 -17.10
CA VAL A 40 -10.09 -2.60 -18.55
C VAL A 40 -11.44 -2.29 -19.20
N ASP A 41 -12.54 -2.66 -18.56
CA ASP A 41 -13.88 -2.26 -19.01
C ASP A 41 -13.98 -0.77 -19.28
N VAL A 42 -13.57 0.04 -18.31
CA VAL A 42 -13.61 1.48 -18.49
C VAL A 42 -12.72 1.88 -19.66
N PHE A 43 -11.54 1.25 -19.77
CA PHE A 43 -10.61 1.51 -20.87
C PHE A 43 -11.21 1.19 -22.23
N GLN A 44 -11.69 -0.04 -22.37
CA GLN A 44 -12.32 -0.51 -23.58
C GLN A 44 -13.40 0.44 -24.07
N GLU A 45 -14.12 1.00 -23.12
CA GLU A 45 -15.23 1.88 -23.42
C GLU A 45 -14.83 3.34 -23.67
N CYS A 46 -13.79 3.85 -23.00
CA CYS A 46 -13.50 5.31 -22.99
C CYS A 46 -12.07 5.67 -23.36
N GLY A 47 -11.19 4.68 -23.53
CA GLY A 47 -9.78 4.94 -23.77
C GLY A 47 -8.89 5.12 -22.53
N SER A 48 -9.50 5.18 -21.36
CA SER A 48 -8.78 5.38 -20.10
C SER A 48 -9.29 4.38 -19.06
N PRO A 49 -8.41 3.91 -18.17
CA PRO A 49 -8.82 2.99 -17.09
C PRO A 49 -9.72 3.65 -16.02
N ILE A 50 -9.74 4.97 -16.01
CA ILE A 50 -10.66 5.73 -15.20
C ILE A 50 -11.21 6.83 -16.09
N ARG A 51 -12.51 7.11 -16.01
CA ARG A 51 -13.12 8.20 -16.78
C ARG A 51 -12.68 9.54 -16.24
N GLU A 52 -12.46 10.50 -17.13
CA GLU A 52 -12.03 11.84 -16.75
C GLU A 52 -12.93 12.45 -15.69
N GLU A 53 -14.23 12.28 -15.85
CA GLU A 53 -15.19 12.98 -15.00
C GLU A 53 -15.19 12.36 -13.60
N ASP A 54 -15.04 11.05 -13.54
CA ASP A 54 -14.86 10.37 -12.27
C ASP A 54 -13.56 10.77 -11.60
N LEU A 55 -12.48 10.76 -12.36
CA LEU A 55 -11.22 11.19 -11.81
C LEU A 55 -11.35 12.57 -11.16
N GLU A 56 -12.25 13.42 -11.65
CA GLU A 56 -12.42 14.78 -11.11
C GLU A 56 -13.19 14.77 -9.80
N GLU A 57 -14.14 13.86 -9.63
CA GLU A 57 -14.78 13.68 -8.33
C GLU A 57 -13.81 13.02 -7.36
N ILE A 58 -13.10 12.01 -7.86
CA ILE A 58 -12.20 11.26 -7.05
C ILE A 58 -11.20 12.21 -6.45
N ARG A 59 -10.60 13.08 -7.27
CA ARG A 59 -9.58 13.98 -6.73
C ARG A 59 -10.07 15.06 -5.75
N ARG A 60 -11.38 15.24 -5.64
CA ARG A 60 -11.92 16.22 -4.71
C ARG A 60 -12.51 15.56 -3.45
N SER A 61 -12.44 14.22 -3.41
CA SER A 61 -12.84 13.44 -2.26
C SER A 61 -11.79 13.54 -1.17
N ASP A 62 -12.12 13.07 0.02
CA ASP A 62 -11.22 13.22 1.13
C ASP A 62 -10.17 12.10 1.11
N ALA A 63 -10.54 10.94 0.60
CA ALA A 63 -9.63 9.80 0.55
C ALA A 63 -10.18 8.81 -0.41
N VAL A 64 -9.35 7.85 -0.83
CA VAL A 64 -9.79 6.81 -1.77
C VAL A 64 -9.58 5.44 -1.17
N LEU A 65 -10.51 4.53 -1.38
CA LEU A 65 -10.33 3.14 -1.00
C LEU A 65 -10.40 2.35 -2.27
N PHE A 66 -9.35 1.55 -2.50
CA PHE A 66 -9.10 0.94 -3.77
C PHE A 66 -8.92 -0.54 -3.54
N GLY A 67 -9.62 -1.36 -4.32
CA GLY A 67 -9.48 -2.82 -4.21
C GLY A 67 -8.22 -3.33 -4.95
N ALA A 68 -8.44 -3.95 -6.11
CA ALA A 68 -7.37 -4.41 -6.93
C ALA A 68 -7.86 -4.51 -8.38
N THR A 69 -6.90 -4.47 -9.29
CA THR A 69 -7.15 -4.28 -10.71
C THR A 69 -6.28 -5.24 -11.50
N THR A 70 -6.87 -5.86 -12.51
CA THR A 70 -6.12 -6.75 -13.37
C THR A 70 -5.44 -5.95 -14.49
N THR A 71 -4.11 -5.93 -14.53
CA THR A 71 -3.45 -5.23 -15.63
C THR A 71 -2.93 -6.26 -16.63
N PRO A 72 -3.71 -6.50 -17.71
CA PRO A 72 -3.30 -7.57 -18.63
C PRO A 72 -2.11 -7.12 -19.46
N PHE A 73 -1.13 -8.01 -19.58
CA PHE A 73 0.14 -7.72 -20.25
C PHE A 73 0.00 -7.39 -21.74
N ASP A 74 -1.00 -8.01 -22.36
CA ASP A 74 -1.17 -8.04 -23.81
C ASP A 74 -2.33 -7.14 -24.25
N LEU A 75 -2.46 -5.96 -23.65
CA LEU A 75 -3.52 -5.05 -24.04
C LEU A 75 -2.90 -3.71 -24.37
N PRO A 76 -2.71 -3.45 -25.67
CA PRO A 76 -1.97 -2.28 -26.14
C PRO A 76 -2.48 -0.95 -25.58
N GLY A 77 -1.58 -0.03 -25.30
CA GLY A 77 -1.91 1.28 -24.78
C GLY A 77 -2.54 1.31 -23.39
N TYR A 78 -2.59 0.19 -22.69
CA TYR A 78 -3.31 0.15 -21.43
C TYR A 78 -2.33 0.35 -20.31
N ARG A 79 -2.59 1.32 -19.46
CA ARG A 79 -1.78 1.50 -18.27
C ARG A 79 -2.59 1.07 -17.02
N SER A 80 -1.91 0.40 -16.11
CA SER A 80 -2.43 0.05 -14.77
C SER A 80 -3.28 1.16 -14.15
N LEU A 81 -4.45 0.80 -13.66
CA LEU A 81 -5.30 1.74 -12.93
C LEU A 81 -4.55 2.33 -11.72
N ILE A 82 -3.97 1.48 -10.88
CA ILE A 82 -3.33 2.01 -9.67
C ILE A 82 -2.16 2.91 -10.03
N LEU A 83 -1.34 2.50 -11.00
CA LEU A 83 -0.21 3.36 -11.43
C LEU A 83 -0.72 4.72 -11.97
N THR A 84 -1.82 4.68 -12.71
CA THR A 84 -2.44 5.89 -13.21
C THR A 84 -2.89 6.79 -12.09
N LEU A 85 -3.73 6.27 -11.18
CA LEU A 85 -4.18 7.04 -10.02
C LEU A 85 -3.05 7.58 -9.13
N ARG A 86 -1.98 6.80 -8.95
CA ARG A 86 -0.80 7.29 -8.24
C ARG A 86 -0.23 8.57 -8.83
N LYS A 87 -0.15 8.65 -10.14
CA LYS A 87 0.44 9.82 -10.77
C LYS A 87 -0.60 10.96 -10.87
N GLU A 88 -1.84 10.63 -11.21
CA GLU A 88 -2.86 11.67 -11.33
C GLU A 88 -3.11 12.39 -10.02
N LEU A 89 -3.18 11.64 -8.91
CA LEU A 89 -3.51 12.23 -7.61
C LEU A 89 -2.30 12.71 -6.80
N GLY A 90 -1.09 12.64 -7.35
CA GLY A 90 0.11 13.15 -6.69
C GLY A 90 0.65 12.31 -5.53
N LEU A 91 0.40 11.01 -5.59
CA LEU A 91 0.63 10.13 -4.44
C LEU A 91 2.09 9.64 -4.40
N TYR A 92 2.99 10.50 -3.94
CA TYR A 92 4.43 10.20 -3.96
C TYR A 92 5.01 9.29 -2.88
N ALA A 93 4.25 9.03 -1.81
CA ALA A 93 4.70 8.14 -0.75
C ALA A 93 3.82 6.90 -0.59
N ASN A 94 4.43 5.72 -0.70
CA ASN A 94 3.74 4.46 -0.51
C ASN A 94 4.27 3.84 0.77
N LEU A 95 3.35 3.49 1.67
CA LEU A 95 3.70 2.96 3.00
C LEU A 95 3.07 1.62 3.14
N ARG A 96 3.90 0.59 3.34
CA ARG A 96 3.46 -0.79 3.49
C ARG A 96 3.94 -1.31 4.82
N ILE A 97 3.02 -1.93 5.55
CA ILE A 97 3.27 -2.39 6.91
C ILE A 97 2.99 -3.88 6.89
N ILE A 98 4.02 -4.72 6.99
CA ILE A 98 3.83 -6.18 7.05
C ILE A 98 3.83 -6.63 8.51
N PRO A 99 2.70 -7.18 9.01
CA PRO A 99 2.61 -7.57 10.41
C PRO A 99 2.75 -9.07 10.66
N ASP A 100 3.48 -9.44 11.71
CA ASP A 100 3.41 -10.80 12.28
C ASP A 100 2.26 -10.71 13.25
N LEU A 101 1.15 -11.35 12.90
CA LEU A 101 -0.12 -10.91 13.46
C LEU A 101 -0.35 -11.43 14.88
N ARG A 102 0.42 -12.44 15.27
CA ARG A 102 0.42 -12.92 16.63
C ARG A 102 1.21 -11.96 17.53
N THR A 103 2.52 -11.83 17.27
CA THR A 103 3.42 -11.05 18.12
C THR A 103 3.18 -9.55 18.07
N GLY A 104 2.63 -9.06 16.96
CA GLY A 104 2.47 -7.63 16.74
C GLY A 104 3.72 -6.92 16.18
N ARG A 105 4.75 -7.67 15.85
CA ARG A 105 5.94 -7.10 15.22
C ARG A 105 5.66 -6.71 13.77
N GLU A 106 6.35 -5.67 13.30
CA GLU A 106 6.05 -5.10 12.02
C GLU A 106 7.27 -4.85 11.17
N ILE A 107 7.15 -5.11 9.86
CA ILE A 107 8.10 -4.56 8.87
C ILE A 107 7.46 -3.33 8.21
N VAL A 108 8.17 -2.21 8.26
CA VAL A 108 7.68 -0.92 7.81
C VAL A 108 8.47 -0.48 6.58
N ILE A 109 7.80 -0.40 5.43
CA ILE A 109 8.46 -0.02 4.20
C ILE A 109 7.87 1.27 3.62
N VAL A 110 8.72 2.25 3.34
CA VAL A 110 8.34 3.47 2.69
C VAL A 110 8.91 3.41 1.28
N ARG A 111 8.04 3.22 0.29
CA ARG A 111 8.47 3.11 -1.11
C ARG A 111 8.22 4.44 -1.79
N GLU A 112 9.24 5.07 -2.36
CA GLU A 112 9.00 6.29 -3.16
C GLU A 112 8.11 5.91 -4.36
N ASN A 113 7.09 6.72 -4.63
CA ASN A 113 5.93 6.27 -5.42
C ASN A 113 5.61 7.06 -6.69
N SER A 114 6.42 8.07 -7.01
CA SER A 114 6.15 8.99 -8.11
C SER A 114 7.24 8.99 -9.20
N GLU A 115 8.42 8.45 -8.88
CA GLU A 115 9.55 8.54 -9.84
C GLU A 115 10.41 7.25 -9.85
N GLY A 116 11.72 7.35 -10.03
CA GLY A 116 12.56 6.15 -10.21
C GLY A 116 12.32 5.54 -11.57
N LEU A 117 12.23 4.21 -11.62
CA LEU A 117 11.97 3.54 -12.88
C LEU A 117 10.49 3.62 -13.31
N TYR A 118 9.64 4.19 -12.47
CA TYR A 118 8.22 4.49 -12.79
C TYR A 118 7.99 5.88 -13.39
N PHE A 119 9.00 6.72 -13.49
CA PHE A 119 8.79 8.07 -14.07
C PHE A 119 8.25 8.01 -15.52
N GLY A 120 8.65 7.03 -16.29
CA GLY A 120 7.98 6.75 -17.54
C GLY A 120 8.68 7.26 -18.79
N ILE A 121 9.95 7.60 -18.70
CA ILE A 121 10.72 7.87 -19.88
C ILE A 121 11.31 6.57 -20.34
N GLY A 122 10.74 6.02 -21.41
CA GLY A 122 11.25 4.82 -22.04
C GLY A 122 11.11 4.95 -23.53
N ALA A 123 11.93 4.23 -24.28
CA ALA A 123 11.86 4.25 -25.73
C ALA A 123 12.61 3.07 -26.30
N VAL A 124 12.25 2.69 -27.52
CA VAL A 124 13.04 1.73 -28.31
C VAL A 124 13.43 2.46 -29.59
N VAL A 125 14.62 2.21 -30.09
CA VAL A 125 15.08 2.81 -31.33
C VAL A 125 16.33 2.12 -31.85
N ASN A 126 16.19 1.49 -33.02
CA ASN A 126 17.29 0.77 -33.67
C ASN A 126 17.84 -0.35 -32.79
N GLY A 127 16.96 -1.21 -32.31
CA GLY A 127 17.37 -2.34 -31.49
C GLY A 127 18.00 -1.91 -30.18
N ARG A 128 17.60 -0.75 -29.68
CA ARG A 128 18.09 -0.26 -28.40
C ARG A 128 16.94 0.21 -27.54
N ALA A 129 16.70 -0.49 -26.45
CA ALA A 129 15.62 -0.13 -25.54
C ALA A 129 16.18 0.45 -24.26
N VAL A 130 15.51 1.46 -23.77
CA VAL A 130 16.03 2.25 -22.71
C VAL A 130 14.89 2.59 -21.73
N ASP A 131 15.20 2.68 -20.44
CA ASP A 131 14.29 3.22 -19.42
C ASP A 131 15.14 4.07 -18.54
N VAL A 132 14.62 5.22 -18.17
CA VAL A 132 15.40 6.16 -17.42
C VAL A 132 14.98 6.10 -15.97
N ARG A 133 15.89 5.75 -15.08
CA ARG A 133 15.64 5.80 -13.66
C ARG A 133 15.92 7.24 -13.22
N LEU A 134 14.89 8.00 -12.86
CA LEU A 134 15.05 9.40 -12.50
C LEU A 134 14.82 9.60 -11.05
N ILE A 135 15.81 10.13 -10.35
CA ILE A 135 15.64 10.61 -9.00
C ILE A 135 15.86 12.11 -9.03
N THR A 136 15.04 12.82 -8.28
CA THR A 136 14.90 14.26 -8.38
C THR A 136 14.99 14.81 -6.97
N ARG A 137 15.60 16.00 -6.82
CA ARG A 137 15.81 16.60 -5.49
C ARG A 137 14.52 16.68 -4.69
N GLU A 138 13.48 17.17 -5.33
CA GLU A 138 12.20 17.32 -4.65
C GLU A 138 11.61 15.95 -4.29
N GLY A 139 11.77 14.96 -5.17
CA GLY A 139 11.28 13.58 -4.93
C GLY A 139 12.06 12.89 -3.81
N ALA A 140 13.37 12.97 -3.89
CA ALA A 140 14.19 12.47 -2.81
C ALA A 140 13.83 13.15 -1.48
N GLU A 141 13.68 14.48 -1.48
CA GLU A 141 13.41 15.21 -0.21
C GLU A 141 12.10 14.86 0.45
N ARG A 142 11.03 14.92 -0.33
CA ARG A 142 9.71 14.72 0.25
C ARG A 142 9.54 13.31 0.79
N ILE A 143 10.09 12.31 0.09
CA ILE A 143 9.98 10.93 0.58
C ILE A 143 10.92 10.69 1.76
N ALA A 144 12.06 11.35 1.76
CA ALA A 144 12.95 11.32 2.94
C ALA A 144 12.24 11.92 4.15
N ARG A 145 11.67 13.11 3.99
CA ARG A 145 10.87 13.70 5.09
C ARG A 145 9.79 12.74 5.58
N PHE A 146 9.10 12.10 4.64
CA PHE A 146 8.01 11.22 5.00
C PHE A 146 8.53 10.07 5.82
N ALA A 147 9.66 9.52 5.38
CA ALA A 147 10.28 8.43 6.09
C ALA A 147 10.77 8.86 7.50
N VAL A 148 11.30 10.09 7.66
CA VAL A 148 11.75 10.53 9.00
C VAL A 148 10.58 10.69 9.96
N GLU A 149 9.44 11.19 9.49
CA GLU A 149 8.24 11.25 10.34
C GLU A 149 7.79 9.89 10.79
N GLN A 150 8.00 8.85 9.98
CA GLN A 150 7.63 7.48 10.37
C GLN A 150 8.63 6.92 11.36
N ALA A 151 9.87 7.33 11.18
CA ALA A 151 10.92 7.01 12.15
C ALA A 151 10.63 7.69 13.50
N LYS A 152 10.60 9.02 13.52
CA LYS A 152 10.24 9.79 14.74
C LYS A 152 9.05 9.19 15.44
N ALA A 153 7.96 8.99 14.69
CA ALA A 153 6.71 8.54 15.29
C ALA A 153 6.87 7.21 15.99
N ARG A 154 7.88 6.43 15.58
CA ARG A 154 8.16 5.12 16.18
C ARG A 154 9.39 5.12 17.08
N GLY A 155 10.08 6.24 17.22
CA GLY A 155 11.35 6.26 17.96
C GLY A 155 12.24 5.17 17.41
N SER A 156 12.65 5.34 16.15
CA SER A 156 13.30 4.28 15.37
C SER A 156 14.25 4.94 14.41
N PHE A 157 14.75 4.17 13.45
CA PHE A 157 15.79 4.66 12.53
C PHE A 157 15.37 4.35 11.08
N ILE A 158 16.13 4.88 10.13
CA ILE A 158 15.92 4.58 8.72
C ILE A 158 17.00 3.67 8.12
N THR A 159 16.57 2.54 7.56
CA THR A 159 17.39 1.72 6.67
C THR A 159 17.15 2.15 5.18
N PHE A 160 18.08 2.92 4.61
CA PHE A 160 17.98 3.32 3.23
C PHE A 160 18.59 2.23 2.33
N VAL A 161 17.78 1.61 1.48
CA VAL A 161 18.26 0.50 0.65
C VAL A 161 18.54 0.95 -0.78
N HIS A 162 19.70 0.58 -1.33
CA HIS A 162 20.20 1.15 -2.59
C HIS A 162 21.27 0.30 -3.30
N LYS A 163 21.70 0.79 -4.45
CA LYS A 163 22.82 0.27 -5.22
C LYS A 163 23.65 1.49 -5.70
N ALA A 164 23.94 2.36 -4.76
CA ALA A 164 24.74 3.56 -5.00
C ALA A 164 26.12 3.31 -5.61
N ASN A 165 26.65 2.10 -5.34
N ASN A 165 26.72 2.15 -5.38
CA ASN A 165 27.87 1.61 -5.98
CA ASN A 165 27.97 1.84 -6.09
C ASN A 165 27.83 1.56 -7.51
C ASN A 165 27.77 1.86 -7.60
N VAL A 166 26.64 1.34 -8.07
CA VAL A 166 26.42 1.20 -9.50
C VAL A 166 25.55 2.29 -10.09
N LEU A 167 24.62 2.83 -9.28
CA LEU A 167 23.58 3.71 -9.77
C LEU A 167 23.75 5.17 -9.30
N THR A 168 24.15 6.03 -10.21
CA THR A 168 24.39 7.43 -9.85
C THR A 168 23.18 8.10 -9.19
N GLY A 169 21.98 7.69 -9.57
CA GLY A 169 20.78 8.25 -8.97
C GLY A 169 20.63 7.85 -7.53
N ASP A 170 21.16 6.68 -7.16
CA ASP A 170 21.08 6.24 -5.76
C ASP A 170 22.14 6.91 -4.91
N LYS A 171 23.27 7.23 -5.51
CA LYS A 171 24.28 8.06 -4.83
C LYS A 171 23.63 9.40 -4.43
N PHE A 172 23.01 10.06 -5.42
CA PHE A 172 22.27 11.32 -5.20
C PHE A 172 21.21 11.20 -4.11
N PHE A 173 20.46 10.11 -4.18
CA PHE A 173 19.30 9.90 -3.33
C PHE A 173 19.77 9.69 -1.89
N ARG A 174 20.87 8.96 -1.75
CA ARG A 174 21.45 8.66 -0.45
C ARG A 174 21.82 9.95 0.27
N ARG A 175 22.55 10.80 -0.44
CA ARG A 175 22.97 12.12 0.02
C ARG A 175 21.81 12.87 0.61
N ILE A 176 20.73 12.91 -0.15
CA ILE A 176 19.60 13.71 0.27
C ILE A 176 18.95 13.08 1.50
N VAL A 177 18.78 11.77 1.49
CA VAL A 177 18.18 11.07 2.64
C VAL A 177 19.01 11.32 3.92
N ARG A 178 20.33 11.39 3.79
CA ARG A 178 21.21 11.60 4.94
C ARG A 178 21.17 13.02 5.50
N GLU A 179 21.13 14.01 4.61
CA GLU A 179 20.94 15.39 5.00
C GLU A 179 19.67 15.62 5.80
N VAL A 180 18.52 15.18 5.27
CA VAL A 180 17.26 15.47 5.96
C VAL A 180 17.16 14.69 7.26
N ALA A 181 17.72 13.49 7.31
CA ALA A 181 17.73 12.70 8.53
C ALA A 181 18.68 13.33 9.55
N GLY A 182 19.69 14.02 9.05
CA GLY A 182 20.57 14.86 9.86
C GLY A 182 19.82 16.05 10.42
N GLU A 183 19.27 16.90 9.54
CA GLU A 183 18.43 18.02 9.98
C GLU A 183 17.53 17.60 11.15
N GLU A 184 17.01 16.37 11.09
CA GLU A 184 15.97 15.92 12.01
C GLU A 184 16.48 14.96 13.07
N GLY A 185 17.78 14.76 13.15
CA GLY A 185 18.36 13.86 14.14
C GLY A 185 17.80 12.45 14.12
N VAL A 186 17.66 11.89 12.91
CA VAL A 186 17.27 10.48 12.74
C VAL A 186 18.44 9.67 12.17
N GLU A 187 18.64 8.48 12.71
CA GLU A 187 19.71 7.63 12.24
C GLU A 187 19.34 7.03 10.87
N VAL A 188 20.35 6.89 10.01
CA VAL A 188 20.21 6.26 8.68
C VAL A 188 21.24 5.14 8.48
N ARG A 189 20.78 3.90 8.55
CA ARG A 189 21.59 2.71 8.26
C ARG A 189 21.59 2.45 6.75
N ASP A 190 22.77 2.22 6.16
CA ASP A 190 22.88 1.78 4.78
C ASP A 190 22.50 0.31 4.64
N ALA A 191 21.91 -0.02 3.52
CA ALA A 191 21.69 -1.41 3.13
C ALA A 191 21.77 -1.47 1.60
N ILE A 192 22.28 -2.57 1.06
CA ILE A 192 22.43 -2.70 -0.36
C ILE A 192 21.36 -3.66 -0.79
N ILE A 193 20.77 -3.38 -1.93
CA ILE A 193 19.55 -4.04 -2.32
C ILE A 193 19.72 -5.56 -2.46
N ASP A 194 20.86 -6.05 -2.93
CA ASP A 194 21.01 -7.50 -3.13
C ASP A 194 21.22 -8.23 -1.79
N SER A 195 22.19 -7.81 -0.99
CA SER A 195 22.40 -8.44 0.31
C SER A 195 21.24 -8.20 1.29
N PHE A 196 20.57 -7.05 1.19
CA PHE A 196 19.40 -6.82 2.03
C PHE A 196 18.27 -7.80 1.79
N THR A 197 18.16 -8.39 0.60
CA THR A 197 17.15 -9.44 0.43
C THR A 197 17.41 -10.61 1.42
N ILE A 198 18.68 -10.91 1.71
CA ILE A 198 19.05 -11.96 2.64
C ILE A 198 18.72 -11.56 4.08
N LYS A 199 19.13 -10.35 4.47
CA LYS A 199 18.80 -9.80 5.77
C LYS A 199 17.29 -9.71 6.00
N LEU A 200 16.53 -9.57 4.92
CA LEU A 200 15.10 -9.31 5.09
C LEU A 200 14.36 -10.60 5.35
N VAL A 201 14.81 -11.70 4.72
CA VAL A 201 14.20 -12.99 5.03
C VAL A 201 14.74 -13.58 6.36
N ARG A 202 15.99 -13.34 6.72
CA ARG A 202 16.62 -13.96 7.90
C ARG A 202 16.47 -13.16 9.20
N ASN A 203 16.44 -11.84 9.11
CA ASN A 203 16.32 -10.99 10.26
C ASN A 203 15.30 -9.90 9.98
N PRO A 204 14.05 -10.31 9.70
CA PRO A 204 13.02 -9.34 9.26
C PRO A 204 12.78 -8.14 10.16
N TRP A 205 12.88 -8.33 11.47
CA TRP A 205 12.23 -7.39 12.38
C TRP A 205 13.14 -6.32 12.86
N GLU A 206 14.37 -6.25 12.36
CA GLU A 206 15.35 -5.35 12.97
C GLU A 206 15.83 -4.23 12.09
N HIS A 207 15.01 -3.74 11.15
CA HIS A 207 15.48 -2.74 10.19
C HIS A 207 14.84 -1.36 10.25
N GLY A 208 13.95 -1.15 11.22
CA GLY A 208 13.32 0.16 11.41
C GLY A 208 12.46 0.58 10.23
N VAL A 209 12.61 1.82 9.82
CA VAL A 209 11.90 2.31 8.63
C VAL A 209 12.73 2.12 7.37
N ILE A 210 12.35 1.10 6.60
CA ILE A 210 12.97 0.80 5.31
C ILE A 210 12.48 1.83 4.30
N LEU A 211 13.41 2.46 3.60
CA LEU A 211 13.09 3.42 2.56
C LEU A 211 13.85 2.97 1.34
N SER A 212 13.22 3.04 0.18
CA SER A 212 13.97 2.82 -1.07
C SER A 212 13.29 3.48 -2.22
N GLU A 213 13.95 3.44 -3.37
CA GLU A 213 13.40 3.82 -4.65
C GLU A 213 12.17 2.96 -5.02
N ASN A 214 11.37 3.49 -5.95
CA ASN A 214 10.08 2.93 -6.38
C ASN A 214 10.13 1.43 -6.65
N LEU A 215 10.90 1.05 -7.65
CA LEU A 215 10.92 -0.34 -8.07
C LEU A 215 11.57 -1.22 -7.02
N PHE A 216 12.62 -0.73 -6.39
CA PHE A 216 13.23 -1.45 -5.27
C PHE A 216 12.23 -1.70 -4.19
N GLY A 217 11.47 -0.67 -3.81
CA GLY A 217 10.42 -0.82 -2.82
C GLY A 217 9.34 -1.78 -3.26
N ASP A 218 9.01 -1.77 -4.55
CA ASP A 218 8.01 -2.69 -5.06
C ASP A 218 8.48 -4.09 -4.77
N ILE A 219 9.77 -4.34 -5.04
CA ILE A 219 10.35 -5.65 -4.91
C ILE A 219 10.49 -6.06 -3.43
N LEU A 220 11.05 -5.19 -2.61
CA LEU A 220 11.22 -5.49 -1.20
C LEU A 220 9.87 -5.77 -0.50
N SER A 221 8.85 -4.97 -0.80
CA SER A 221 7.57 -5.08 -0.10
C SER A 221 6.81 -6.37 -0.38
N ASP A 222 6.94 -6.89 -1.59
CA ASP A 222 6.43 -8.24 -1.88
C ASP A 222 7.23 -9.34 -1.15
N LEU A 223 8.54 -9.18 -1.07
CA LEU A 223 9.37 -10.14 -0.35
C LEU A 223 9.05 -10.18 1.14
N ALA A 224 8.89 -9.01 1.75
CA ALA A 224 8.61 -8.89 3.20
C ALA A 224 7.39 -9.70 3.59
N THR A 225 6.45 -9.73 2.67
CA THR A 225 5.26 -10.55 2.73
C THR A 225 5.37 -12.00 3.19
N VAL A 226 6.51 -12.65 2.95
CA VAL A 226 6.66 -14.02 3.42
C VAL A 226 6.54 -14.14 4.94
N HIS A 227 6.93 -13.08 5.67
CA HIS A 227 6.83 -13.03 7.11
C HIS A 227 5.46 -12.74 7.68
N ALA A 228 4.45 -12.58 6.82
CA ALA A 228 3.07 -12.46 7.29
C ALA A 228 2.26 -13.68 6.89
N GLY A 229 2.87 -14.59 6.15
CA GLY A 229 2.23 -15.85 5.83
C GLY A 229 1.47 -15.80 4.52
N SER A 230 0.75 -14.70 4.31
CA SER A 230 0.14 -14.40 3.02
C SER A 230 0.29 -12.93 2.71
N ILE A 231 0.41 -12.65 1.43
CA ILE A 231 0.46 -11.29 0.93
C ILE A 231 -0.89 -10.61 1.25
N GLY A 232 -1.96 -11.41 1.25
CA GLY A 232 -3.30 -10.95 1.49
C GLY A 232 -3.69 -10.48 2.88
N ILE A 233 -2.75 -10.33 3.81
CA ILE A 233 -3.06 -9.64 5.06
C ILE A 233 -2.39 -8.26 5.10
N VAL A 234 -1.66 -7.90 4.05
CA VAL A 234 -0.82 -6.71 4.11
C VAL A 234 -1.55 -5.47 3.54
N PRO A 235 -1.61 -4.37 4.32
CA PRO A 235 -2.24 -3.13 3.86
C PRO A 235 -1.23 -2.11 3.36
N SER A 236 -1.72 -1.07 2.69
CA SER A 236 -0.87 0.04 2.30
C SER A 236 -1.62 1.36 2.27
N GLY A 237 -0.87 2.45 2.38
CA GLY A 237 -1.40 3.79 2.04
C GLY A 237 -0.58 4.41 0.93
N ASN A 238 -1.24 5.12 0.02
CA ASN A 238 -0.52 5.94 -0.95
C ASN A 238 -0.88 7.37 -0.61
N TYR A 239 0.12 8.16 -0.21
CA TYR A 239 -0.13 9.49 0.33
C TYR A 239 0.44 10.56 -0.57
N GLY A 240 -0.33 11.63 -0.77
CA GLY A 240 0.14 12.85 -1.43
C GLY A 240 -0.28 14.05 -0.60
N ASP A 241 0.00 15.26 -1.07
CA ASP A 241 -0.18 16.46 -0.25
C ASP A 241 -1.64 16.81 0.07
N GLY A 242 -2.56 16.55 -0.85
CA GLY A 242 -3.96 16.88 -0.63
C GLY A 242 -4.93 15.70 -0.54
N ILE A 243 -4.42 14.46 -0.54
CA ILE A 243 -5.29 13.28 -0.60
C ILE A 243 -4.48 11.98 -0.43
N ALA A 244 -5.16 10.86 -0.24
CA ALA A 244 -4.50 9.58 -0.10
C ALA A 244 -5.41 8.47 -0.55
N LEU A 245 -4.80 7.37 -0.95
CA LEU A 245 -5.50 6.20 -1.46
C LEU A 245 -5.01 4.96 -0.74
N PHE A 246 -5.93 4.04 -0.44
CA PHE A 246 -5.63 2.92 0.42
C PHE A 246 -6.06 1.63 -0.27
N GLU A 247 -5.16 0.65 -0.28
CA GLU A 247 -5.40 -0.56 -1.03
C GLU A 247 -4.64 -1.66 -0.38
N PRO A 248 -5.17 -2.87 -0.40
CA PRO A 248 -4.31 -3.97 0.05
C PRO A 248 -3.13 -4.14 -0.92
N VAL A 249 -2.01 -4.63 -0.42
CA VAL A 249 -0.86 -4.90 -1.29
C VAL A 249 -1.20 -5.95 -2.34
N HIS A 250 -1.98 -6.97 -1.99
CA HIS A 250 -2.30 -8.02 -2.94
C HIS A 250 -2.95 -7.50 -4.21
N GLY A 251 -3.16 -8.42 -5.17
CA GLY A 251 -3.66 -8.06 -6.49
C GLY A 251 -5.00 -8.69 -6.79
N SER A 252 -5.35 -8.67 -8.06
CA SER A 252 -6.65 -9.17 -8.55
C SER A 252 -7.00 -10.59 -8.17
N ALA A 253 -5.98 -11.44 -8.06
CA ALA A 253 -6.18 -12.88 -7.92
C ALA A 253 -7.35 -13.40 -8.76
N PRO A 254 -7.30 -13.19 -10.09
CA PRO A 254 -8.46 -13.55 -10.90
C PRO A 254 -8.84 -15.03 -10.84
N ASP A 255 -7.88 -15.91 -10.58
CA ASP A 255 -8.17 -17.34 -10.55
C ASP A 255 -9.09 -17.75 -9.40
N ILE A 256 -9.08 -17.03 -8.28
CA ILE A 256 -10.03 -17.32 -7.16
C ILE A 256 -11.17 -16.33 -7.05
N ALA A 257 -11.33 -15.48 -8.04
CA ALA A 257 -12.39 -14.50 -8.03
C ALA A 257 -13.73 -15.21 -7.92
N GLY A 258 -14.63 -14.63 -7.14
CA GLY A 258 -16.01 -15.09 -7.02
C GLY A 258 -16.23 -16.43 -6.33
N LYS A 259 -15.20 -16.96 -5.68
CA LYS A 259 -15.29 -18.26 -5.01
C LYS A 259 -15.48 -18.18 -3.51
N GLY A 260 -15.46 -16.97 -2.97
CA GLY A 260 -15.75 -16.75 -1.56
C GLY A 260 -14.59 -16.95 -0.63
N ILE A 261 -13.37 -17.10 -1.15
CA ILE A 261 -12.24 -17.48 -0.27
C ILE A 261 -11.15 -16.43 -0.07
N ALA A 262 -11.22 -15.33 -0.80
CA ALA A 262 -10.22 -14.26 -0.67
C ALA A 262 -10.05 -13.75 0.76
N ASN A 263 -8.82 -13.43 1.11
CA ASN A 263 -8.51 -12.84 2.39
C ASN A 263 -8.83 -11.34 2.38
N PRO A 264 -9.76 -10.87 3.22
CA PRO A 264 -10.11 -9.44 3.28
C PRO A 264 -9.25 -8.63 4.28
N ILE A 265 -8.33 -9.29 4.93
CA ILE A 265 -7.62 -8.60 5.98
C ILE A 265 -6.75 -7.46 5.44
N GLY A 266 -6.17 -7.67 4.27
CA GLY A 266 -5.40 -6.65 3.62
C GLY A 266 -6.20 -5.38 3.38
N ALA A 267 -7.41 -5.56 2.82
CA ALA A 267 -8.31 -4.43 2.58
C ALA A 267 -8.73 -3.82 3.92
N ILE A 268 -9.10 -4.68 4.86
CA ILE A 268 -9.63 -4.18 6.12
C ILE A 268 -8.62 -3.29 6.82
N LEU A 269 -7.39 -3.77 6.91
CA LEU A 269 -6.32 -3.04 7.59
C LEU A 269 -5.93 -1.80 6.82
N SER A 270 -6.25 -1.81 5.52
CA SER A 270 -6.09 -0.64 4.69
C SER A 270 -7.17 0.39 5.01
N GLY A 271 -8.40 -0.08 5.14
CA GLY A 271 -9.45 0.67 5.81
C GLY A 271 -8.98 1.26 7.14
N ALA A 272 -8.17 0.55 7.92
CA ALA A 272 -7.68 1.16 9.16
C ALA A 272 -6.79 2.34 8.89
N MET A 273 -5.87 2.17 7.95
CA MET A 273 -4.92 3.23 7.65
C MET A 273 -5.67 4.43 7.09
N LEU A 274 -6.78 4.17 6.42
CA LEU A 274 -7.66 5.24 5.95
C LEU A 274 -8.28 6.04 7.11
N LEU A 275 -8.87 5.34 8.07
CA LEU A 275 -9.40 6.03 9.25
C LEU A 275 -8.33 6.87 9.91
N ASP A 276 -7.14 6.33 10.08
CA ASP A 276 -6.03 7.16 10.64
C ASP A 276 -5.83 8.42 9.82
N TYR A 277 -5.93 8.32 8.49
CA TYR A 277 -5.64 9.45 7.61
C TYR A 277 -6.69 10.54 7.78
N LEU A 278 -7.93 10.13 7.93
CA LEU A 278 -9.00 11.07 8.20
C LEU A 278 -8.96 11.63 9.63
N GLY A 279 -8.24 11.00 10.54
CA GLY A 279 -8.27 11.41 11.95
C GLY A 279 -9.39 10.74 12.75
N LEU A 280 -9.95 9.67 12.22
CA LEU A 280 -10.73 8.74 12.99
C LEU A 280 -9.70 7.72 13.49
N ASP A 281 -10.10 6.64 14.16
CA ASP A 281 -9.07 5.95 14.96
C ASP A 281 -8.27 4.83 14.26
N GLY A 282 -8.92 3.89 13.59
CA GLY A 282 -8.19 2.80 12.91
C GLY A 282 -7.67 1.75 13.88
N SER A 283 -7.06 2.20 14.99
CA SER A 283 -6.75 1.34 16.14
C SER A 283 -7.83 0.32 16.45
N LEU A 284 -9.09 0.73 16.42
CA LEU A 284 -10.16 -0.20 16.67
C LEU A 284 -10.17 -1.39 15.71
N ILE A 285 -9.97 -1.12 14.41
CA ILE A 285 -9.91 -2.16 13.38
C ILE A 285 -8.70 -3.08 13.59
N ARG A 286 -7.55 -2.46 13.84
CA ARG A 286 -6.33 -3.21 14.11
C ARG A 286 -6.52 -4.12 15.33
N ALA A 287 -7.11 -3.58 16.39
CA ALA A 287 -7.38 -4.35 17.60
C ALA A 287 -8.38 -5.47 17.28
N ALA A 288 -9.40 -5.15 16.53
CA ALA A 288 -10.40 -6.13 16.12
C ALA A 288 -9.81 -7.27 15.29
N VAL A 289 -8.89 -6.95 14.39
CA VAL A 289 -8.24 -7.97 13.56
C VAL A 289 -7.37 -8.84 14.46
N ARG A 290 -6.46 -8.21 15.19
CA ARG A 290 -5.62 -8.93 16.14
C ARG A 290 -6.48 -9.77 17.07
N GLY A 291 -7.53 -9.18 17.62
CA GLY A 291 -8.47 -9.90 18.47
C GLY A 291 -9.06 -11.12 17.78
N TYR A 292 -9.45 -10.97 16.52
CA TYR A 292 -10.08 -12.07 15.80
C TYR A 292 -9.13 -13.23 15.50
N VAL A 293 -7.87 -12.93 15.21
CA VAL A 293 -6.96 -13.96 14.70
C VAL A 293 -6.42 -14.88 15.79
N VAL A 294 -6.56 -14.47 17.05
CA VAL A 294 -6.11 -15.29 18.19
C VAL A 294 -6.83 -16.64 18.18
N ASN A 295 -8.08 -16.66 17.72
CA ASN A 295 -8.84 -17.90 17.65
C ASN A 295 -9.76 -18.06 16.45
N GLY A 296 -9.67 -17.16 15.47
CA GLY A 296 -10.55 -17.25 14.33
C GLY A 296 -9.95 -18.16 13.28
N GLU A 297 -10.79 -18.97 12.65
CA GLU A 297 -10.40 -19.71 11.44
C GLU A 297 -10.10 -18.71 10.34
N LEU A 298 -8.96 -18.89 9.66
CA LEU A 298 -8.54 -17.96 8.62
C LEU A 298 -8.80 -18.52 7.21
N THR A 299 -8.44 -17.73 6.20
CA THR A 299 -8.64 -18.10 4.80
C THR A 299 -7.60 -19.10 4.31
N PRO A 300 -7.88 -19.81 3.19
CA PRO A 300 -7.01 -20.85 2.61
C PRO A 300 -5.58 -20.44 2.33
N ASP A 301 -5.37 -19.18 1.97
CA ASP A 301 -4.02 -18.69 1.71
C ASP A 301 -3.20 -18.62 2.98
N MET A 302 -3.89 -18.61 4.12
CA MET A 302 -3.24 -18.68 5.42
C MET A 302 -3.26 -20.12 5.97
N GLY A 303 -3.86 -21.06 5.23
CA GLY A 303 -3.93 -22.47 5.62
C GLY A 303 -5.25 -22.92 6.24
N GLY A 304 -6.15 -21.98 6.55
CA GLY A 304 -7.41 -22.31 7.21
C GLY A 304 -8.47 -22.75 6.22
N ARG A 305 -9.68 -23.02 6.72
CA ARG A 305 -10.81 -23.45 5.90
C ARG A 305 -11.90 -22.38 5.79
N ALA A 306 -11.71 -21.23 6.45
CA ALA A 306 -12.73 -20.18 6.53
C ALA A 306 -13.02 -19.51 5.19
N ARG A 307 -14.28 -19.11 5.02
CA ARG A 307 -14.72 -18.38 3.84
C ARG A 307 -14.44 -16.88 4.07
N THR A 308 -14.49 -16.06 3.01
CA THR A 308 -14.24 -14.62 3.15
C THR A 308 -15.22 -14.08 4.22
N GLU A 309 -16.49 -14.50 4.13
CA GLU A 309 -17.56 -13.99 4.98
C GLU A 309 -17.38 -14.26 6.47
N ASP A 310 -16.84 -15.42 6.82
CA ASP A 310 -16.59 -15.77 8.22
C ASP A 310 -15.59 -14.81 8.86
N VAL A 311 -14.61 -14.38 8.09
CA VAL A 311 -13.59 -13.49 8.61
C VAL A 311 -14.17 -12.09 8.77
N VAL A 312 -14.99 -11.68 7.81
CA VAL A 312 -15.56 -10.35 7.82
C VAL A 312 -16.47 -10.19 9.03
N ARG A 313 -17.45 -11.08 9.13
CA ARG A 313 -18.34 -11.13 10.29
C ARG A 313 -17.56 -11.23 11.59
N GLY A 314 -16.56 -12.10 11.61
CA GLY A 314 -15.79 -12.29 12.83
C GLY A 314 -15.18 -11.00 13.31
N ILE A 315 -14.67 -10.20 12.38
CA ILE A 315 -13.96 -8.96 12.73
C ILE A 315 -14.95 -7.89 13.15
N ILE A 316 -16.09 -7.82 12.48
CA ILE A 316 -17.16 -6.88 12.84
C ILE A 316 -17.59 -7.19 14.28
N GLY A 317 -17.82 -8.47 14.55
CA GLY A 317 -18.04 -8.96 15.90
C GLY A 317 -17.10 -8.35 16.92
N GLU A 318 -15.80 -8.38 16.65
CA GLU A 318 -14.84 -7.87 17.62
C GLU A 318 -14.98 -6.36 17.76
N ILE A 319 -15.40 -5.73 16.67
CA ILE A 319 -15.47 -4.28 16.62
C ILE A 319 -16.63 -3.81 17.48
N GLU A 320 -17.81 -4.41 17.27
CA GLU A 320 -18.99 -4.10 18.09
C GLU A 320 -18.66 -4.22 19.58
N ASP A 321 -17.96 -5.30 19.96
CA ASP A 321 -17.56 -5.50 21.34
C ASP A 321 -16.55 -4.43 21.78
N LEU A 322 -15.67 -4.01 20.89
CA LEU A 322 -14.64 -3.02 21.24
C LEU A 322 -15.20 -1.63 21.43
N LEU A 323 -16.32 -1.33 20.80
CA LEU A 323 -16.81 0.03 20.78
C LEU A 323 -16.95 0.67 22.15
N SER A 324 -17.36 -0.13 23.15
CA SER A 324 -17.78 0.40 24.45
C SER A 324 -16.65 0.79 25.45
N MET A 325 -15.42 1.01 24.97
CA MET A 325 -14.33 1.55 25.79
C MET A 325 -13.60 2.73 25.15
N ASP A 326 -14.36 3.72 24.70
CA ASP A 326 -13.79 5.06 24.55
C ASP A 326 -13.10 5.39 25.88
N GLU A 327 -13.82 5.21 26.99
CA GLU A 327 -13.31 5.39 28.35
C GLU A 327 -12.05 6.23 28.44
#